data_7DUD
#
_entry.id   7DUD
#
_cell.length_a   66.630
_cell.length_b   66.630
_cell.length_c   80.083
_cell.angle_alpha   90.000
_cell.angle_beta   90.000
_cell.angle_gamma   120.000
#
_symmetry.space_group_name_H-M   'P 32'
#
loop_
_entity.id
_entity.type
_entity.pdbx_description
1 polymer 'Sensor protein kinase WalK'
2 water water
#
_entity_poly.entity_id   1
_entity_poly.type   'polypeptide(L)'
_entity_poly.pdbx_seq_one_letter_code
;MNNLEKELLDNFKKNITQYAKQLEISIEKVYDEKGSVNAQKDIQNLLSEYANCQEIGEIRFIDKDQIIIATTKQSNRSLI
NQKANDSSVQKALSLGQSNDHLILKDYGGGKDRVWVYNIPVKVDKKVIGNIYIESKINDVYNQLNNINQ
;
_entity_poly.pdbx_strand_id   A,B
#
# COMPACT_ATOMS: atom_id res chain seq x y z
N ASN A 3 12.99 10.29 -7.07
CA ASN A 3 12.69 8.89 -7.39
C ASN A 3 11.48 8.36 -6.60
N LEU A 4 10.92 9.19 -5.71
CA LEU A 4 9.87 8.71 -4.82
C LEU A 4 8.63 8.28 -5.61
N GLU A 5 8.25 9.06 -6.62
CA GLU A 5 7.09 8.69 -7.45
C GLU A 5 7.28 7.29 -8.06
N LYS A 6 8.42 7.07 -8.73
CA LYS A 6 8.68 5.76 -9.32
C LYS A 6 8.58 4.66 -8.28
N GLU A 7 9.21 4.88 -7.12
CA GLU A 7 9.25 3.90 -6.05
C GLU A 7 7.84 3.53 -5.56
N LEU A 8 7.04 4.53 -5.22
CA LEU A 8 5.71 4.26 -4.68
C LEU A 8 4.81 3.60 -5.72
N LEU A 9 4.94 4.00 -7.00
CA LEU A 9 4.16 3.37 -8.08
C LEU A 9 4.56 1.92 -8.30
N ASP A 10 5.87 1.64 -8.30
CA ASP A 10 6.33 0.25 -8.39
C ASP A 10 5.82 -0.57 -7.23
N ASN A 11 5.90 -0.04 -6.01
CA ASN A 11 5.41 -0.78 -4.85
C ASN A 11 3.92 -1.10 -4.97
N PHE A 12 3.13 -0.13 -5.42
CA PHE A 12 1.69 -0.35 -5.57
C PHE A 12 1.43 -1.46 -6.57
N LYS A 13 2.12 -1.40 -7.70
CA LYS A 13 1.90 -2.39 -8.74
C LYS A 13 2.39 -3.77 -8.31
N LYS A 14 3.47 -3.82 -7.54
CA LYS A 14 3.94 -5.10 -7.01
C LYS A 14 2.90 -5.70 -6.06
N ASN A 15 2.37 -4.88 -5.15
CA ASN A 15 1.30 -5.34 -4.26
C ASN A 15 0.18 -6.00 -5.04
N ILE A 16 -0.32 -5.28 -6.05
CA ILE A 16 -1.46 -5.77 -6.84
C ILE A 16 -1.09 -7.08 -7.55
N THR A 17 0.09 -7.16 -8.16
CA THR A 17 0.41 -8.35 -8.96
C THR A 17 0.65 -9.58 -8.09
N GLN A 18 1.29 -9.43 -6.93
CA GLN A 18 1.50 -10.60 -6.06
C GLN A 18 0.18 -11.10 -5.50
N TYR A 19 -0.67 -10.18 -5.03
CA TYR A 19 -2.03 -10.51 -4.58
C TYR A 19 -2.82 -11.22 -5.69
N ALA A 20 -2.76 -10.68 -6.90
CA ALA A 20 -3.43 -11.26 -8.05
C ALA A 20 -2.87 -12.62 -8.42
N LYS A 21 -1.56 -12.82 -8.27
CA LYS A 21 -1.00 -14.13 -8.52
C LYS A 21 -1.59 -15.14 -7.55
N GLN A 22 -1.79 -14.75 -6.29
CA GLN A 22 -2.40 -15.69 -5.36
C GLN A 22 -3.84 -16.02 -5.74
N LEU A 23 -4.62 -15.00 -6.16
CA LEU A 23 -5.97 -15.32 -6.65
C LEU A 23 -5.92 -16.30 -7.84
N GLU A 24 -4.98 -16.10 -8.76
CA GLU A 24 -4.87 -17.00 -9.90
C GLU A 24 -4.58 -18.43 -9.44
N ILE A 25 -3.62 -18.58 -8.53
CA ILE A 25 -3.29 -19.89 -7.98
C ILE A 25 -4.53 -20.53 -7.37
N SER A 26 -5.32 -19.76 -6.63
CA SER A 26 -6.51 -20.29 -6.00
C SER A 26 -7.50 -20.82 -7.02
N ILE A 27 -7.70 -20.07 -8.10
CA ILE A 27 -8.69 -20.47 -9.09
C ILE A 27 -8.24 -21.73 -9.81
N GLU A 28 -6.96 -21.76 -10.17
CA GLU A 28 -6.39 -22.93 -10.78
C GLU A 28 -6.64 -24.14 -9.91
N LYS A 29 -6.41 -24.00 -8.60
CA LYS A 29 -6.55 -25.16 -7.73
C LYS A 29 -7.99 -25.63 -7.60
N VAL A 30 -8.96 -24.71 -7.57
CA VAL A 30 -10.36 -25.16 -7.58
C VAL A 30 -10.68 -25.92 -8.87
N TYR A 31 -10.18 -25.44 -10.01
CA TYR A 31 -10.38 -26.18 -11.25
C TYR A 31 -9.74 -27.58 -11.19
N ASP A 32 -8.49 -27.65 -10.75
CA ASP A 32 -7.82 -28.94 -10.55
C ASP A 32 -8.69 -29.88 -9.72
N GLU A 33 -9.18 -29.40 -8.58
CA GLU A 33 -9.87 -30.27 -7.64
C GLU A 33 -11.26 -30.67 -8.12
N LYS A 34 -12.00 -29.76 -8.75
CA LYS A 34 -13.42 -29.99 -8.97
C LYS A 34 -13.85 -30.09 -10.44
N GLY A 35 -12.99 -29.83 -11.42
CA GLY A 35 -13.44 -29.74 -12.79
C GLY A 35 -14.09 -28.38 -13.05
N SER A 36 -14.26 -28.09 -14.34
CA SER A 36 -14.68 -26.75 -14.77
C SER A 36 -16.09 -26.41 -14.31
N VAL A 37 -17.02 -27.37 -14.42
CA VAL A 37 -18.42 -27.13 -14.09
C VAL A 37 -18.58 -26.72 -12.63
N ASN A 38 -18.14 -27.57 -11.72
CA ASN A 38 -18.32 -27.30 -10.31
C ASN A 38 -17.34 -26.25 -9.80
N ALA A 39 -16.22 -26.05 -10.48
CA ALA A 39 -15.27 -25.03 -10.05
C ALA A 39 -15.78 -23.63 -10.37
N GLN A 40 -16.33 -23.43 -11.58
CA GLN A 40 -16.78 -22.10 -11.97
C GLN A 40 -17.78 -21.52 -10.98
N LYS A 41 -18.29 -22.33 -10.06
CA LYS A 41 -19.21 -21.87 -9.04
C LYS A 41 -18.52 -21.32 -7.80
N ASP A 42 -17.22 -21.62 -7.62
CA ASP A 42 -16.45 -21.08 -6.50
C ASP A 42 -15.64 -19.83 -6.88
N ILE A 43 -15.67 -19.41 -8.14
CA ILE A 43 -14.86 -18.28 -8.54
C ILE A 43 -15.41 -17.00 -7.95
N GLN A 44 -16.74 -16.86 -7.94
CA GLN A 44 -17.34 -15.66 -7.40
C GLN A 44 -16.90 -15.39 -5.97
N ASN A 45 -16.92 -16.42 -5.11
CA ASN A 45 -16.55 -16.20 -3.72
C ASN A 45 -15.10 -15.78 -3.60
N LEU A 46 -14.21 -16.37 -4.41
CA LEU A 46 -12.81 -15.99 -4.37
C LEU A 46 -12.61 -14.55 -4.84
N LEU A 47 -13.29 -14.19 -5.93
CA LEU A 47 -13.22 -12.80 -6.40
C LEU A 47 -13.68 -11.86 -5.30
N SER A 48 -14.79 -12.19 -4.64
CA SER A 48 -15.35 -11.31 -3.62
C SER A 48 -14.41 -11.16 -2.43
N GLU A 49 -13.80 -12.28 -2.00
CA GLU A 49 -12.77 -12.20 -0.97
C GLU A 49 -11.69 -11.22 -1.35
N TYR A 50 -11.06 -11.46 -2.51
CA TYR A 50 -9.90 -10.66 -2.90
C TYR A 50 -10.25 -9.21 -3.16
N ALA A 51 -11.46 -8.91 -3.61
CA ALA A 51 -11.87 -7.53 -3.90
C ALA A 51 -12.15 -6.76 -2.67
N ASN A 52 -11.88 -7.33 -1.52
CA ASN A 52 -12.13 -6.61 -0.28
C ASN A 52 -10.85 -5.85 0.13
N CYS A 53 -9.76 -6.03 -0.63
CA CYS A 53 -8.55 -5.20 -0.55
C CYS A 53 -8.88 -3.75 -0.91
N GLN A 54 -8.26 -2.80 -0.19
CA GLN A 54 -8.72 -1.42 -0.31
C GLN A 54 -8.43 -0.86 -1.70
N GLU A 55 -7.32 -1.27 -2.29
CA GLU A 55 -6.77 -0.58 -3.44
C GLU A 55 -7.32 -1.13 -4.73
N ILE A 56 -8.32 -2.01 -4.64
CA ILE A 56 -8.90 -2.64 -5.81
C ILE A 56 -10.29 -2.06 -6.00
N GLY A 57 -10.49 -1.48 -7.19
CA GLY A 57 -11.77 -0.94 -7.57
C GLY A 57 -12.70 -2.04 -8.04
N GLU A 58 -12.18 -2.98 -8.82
CA GLU A 58 -13.01 -4.07 -9.34
C GLU A 58 -12.15 -5.24 -9.77
N ILE A 59 -12.71 -6.45 -9.66
CA ILE A 59 -12.14 -7.65 -10.25
C ILE A 59 -13.21 -8.33 -11.09
N ARG A 60 -12.80 -8.83 -12.25
CA ARG A 60 -13.68 -9.63 -13.11
C ARG A 60 -12.94 -10.89 -13.50
N PHE A 61 -13.70 -11.96 -13.70
CA PHE A 61 -13.20 -13.18 -14.29
C PHE A 61 -13.89 -13.40 -15.63
N ILE A 62 -13.08 -13.59 -16.68
CA ILE A 62 -13.51 -13.69 -18.07
C ILE A 62 -12.98 -14.99 -18.67
N ASP A 63 -13.84 -15.82 -19.27
CA ASP A 63 -13.43 -17.15 -19.79
C ASP A 63 -12.69 -17.06 -21.13
N LYS A 64 -12.36 -18.23 -21.70
CA LYS A 64 -11.68 -18.39 -23.02
C LYS A 64 -12.43 -17.66 -24.14
N ASP A 65 -13.75 -17.64 -24.10
CA ASP A 65 -14.59 -17.01 -25.16
C ASP A 65 -14.88 -15.53 -24.88
N GLN A 66 -14.11 -14.91 -23.98
CA GLN A 66 -14.21 -13.47 -23.60
C GLN A 66 -15.53 -13.13 -22.93
N ILE A 67 -16.20 -14.08 -22.32
CA ILE A 67 -17.44 -13.82 -21.59
C ILE A 67 -17.12 -13.45 -20.15
N ILE A 68 -17.71 -12.37 -19.66
CA ILE A 68 -17.54 -11.97 -18.27
C ILE A 68 -18.33 -12.93 -17.38
N ILE A 69 -17.63 -13.79 -16.65
CA ILE A 69 -18.25 -14.81 -15.81
C ILE A 69 -18.56 -14.26 -14.42
N ALA A 70 -17.69 -13.42 -13.88
CA ALA A 70 -18.02 -12.87 -12.57
C ALA A 70 -17.41 -11.48 -12.44
N THR A 71 -18.09 -10.65 -11.67
CA THR A 71 -17.59 -9.34 -11.23
C THR A 71 -17.87 -9.14 -9.75
N THR A 72 -17.05 -8.29 -9.12
CA THR A 72 -17.12 -8.03 -7.68
C THR A 72 -17.90 -6.77 -7.34
N LYS A 73 -18.12 -5.93 -8.36
CA LYS A 73 -18.89 -4.67 -8.22
C LYS A 73 -20.34 -4.98 -8.57
N GLN A 74 -21.21 -4.91 -7.56
CA GLN A 74 -22.62 -5.27 -7.76
C GLN A 74 -23.29 -4.45 -8.87
N SER A 75 -23.04 -3.16 -8.88
CA SER A 75 -23.57 -2.27 -9.89
C SER A 75 -23.20 -2.66 -11.33
N ASN A 76 -22.24 -3.58 -11.51
CA ASN A 76 -21.87 -4.07 -12.81
C ASN A 76 -22.44 -5.46 -13.10
N ARG A 77 -23.46 -5.89 -12.35
CA ARG A 77 -24.01 -7.25 -12.53
C ARG A 77 -24.57 -7.44 -13.95
N SER A 78 -25.06 -6.38 -14.57
CA SER A 78 -25.54 -6.55 -15.96
C SER A 78 -24.42 -6.93 -16.92
N LEU A 79 -23.15 -6.83 -16.51
CA LEU A 79 -22.07 -7.27 -17.38
C LEU A 79 -21.95 -8.78 -17.47
N ILE A 80 -22.47 -9.52 -16.50
CA ILE A 80 -22.25 -10.96 -16.54
C ILE A 80 -22.92 -11.54 -17.78
N ASN A 81 -22.22 -12.46 -18.44
CA ASN A 81 -22.56 -13.09 -19.72
C ASN A 81 -22.44 -12.18 -20.93
N GLN A 82 -21.87 -10.99 -20.80
CA GLN A 82 -21.61 -10.17 -21.96
C GLN A 82 -20.17 -10.40 -22.40
N LYS A 83 -19.89 -10.12 -23.67
CA LYS A 83 -18.51 -10.13 -24.16
C LYS A 83 -17.72 -8.99 -23.52
N ALA A 84 -16.50 -9.28 -23.09
CA ALA A 84 -15.69 -8.23 -22.46
C ALA A 84 -15.32 -7.16 -23.48
N ASN A 85 -15.10 -7.57 -24.73
CA ASN A 85 -14.83 -6.64 -25.81
C ASN A 85 -13.65 -5.74 -25.42
N ASP A 86 -12.56 -6.37 -24.95
CA ASP A 86 -11.44 -5.66 -24.36
C ASP A 86 -10.15 -6.21 -24.97
N SER A 87 -9.40 -5.33 -25.64
CA SER A 87 -8.19 -5.73 -26.35
C SER A 87 -7.12 -6.27 -25.40
N SER A 88 -7.01 -5.68 -24.20
CA SER A 88 -5.96 -6.12 -23.29
C SER A 88 -6.28 -7.49 -22.74
N VAL A 89 -7.56 -7.72 -22.43
CA VAL A 89 -8.04 -9.05 -22.04
C VAL A 89 -7.77 -10.06 -23.14
N GLN A 90 -8.06 -9.68 -24.39
CA GLN A 90 -7.83 -10.61 -25.50
C GLN A 90 -6.36 -10.98 -25.67
N LYS A 91 -5.52 -9.97 -25.48
CA LYS A 91 -4.09 -10.16 -25.54
C LYS A 91 -3.75 -11.20 -24.47
N ALA A 92 -4.15 -11.06 -23.20
CA ALA A 92 -3.82 -11.94 -22.08
C ALA A 92 -4.28 -13.38 -22.37
N LEU A 93 -5.50 -13.52 -22.85
CA LEU A 93 -6.04 -14.82 -23.22
C LEU A 93 -5.21 -15.47 -24.34
N SER A 94 -4.82 -14.69 -25.35
CA SER A 94 -4.17 -15.27 -26.53
C SER A 94 -2.73 -15.67 -26.25
N LEU A 95 -1.97 -14.78 -25.61
CA LEU A 95 -0.56 -15.03 -25.36
C LEU A 95 -0.31 -15.79 -24.06
N GLY A 96 -1.29 -15.91 -23.17
CA GLY A 96 -1.05 -16.55 -21.90
C GLY A 96 -0.08 -15.80 -21.01
N GLN A 97 -0.10 -14.47 -21.08
CA GLN A 97 0.84 -13.67 -20.33
C GLN A 97 0.10 -12.47 -19.75
N SER A 98 0.60 -11.99 -18.61
CA SER A 98 -0.03 -10.86 -17.97
C SER A 98 0.25 -9.58 -18.75
N ASN A 99 -0.60 -8.57 -18.55
CA ASN A 99 -0.27 -7.25 -19.12
C ASN A 99 -0.91 -6.17 -18.27
N ASP A 100 -0.58 -4.90 -18.57
CA ASP A 100 -1.13 -3.79 -17.78
C ASP A 100 -1.11 -2.50 -18.58
N HIS A 101 -2.02 -1.59 -18.19
CA HIS A 101 -2.03 -0.27 -18.80
C HIS A 101 -2.75 0.71 -17.88
N LEU A 102 -2.50 2.00 -18.08
CA LEU A 102 -3.21 3.03 -17.31
C LEU A 102 -4.44 3.48 -18.08
N ILE A 103 -5.54 3.67 -17.35
CA ILE A 103 -6.73 4.27 -17.93
C ILE A 103 -7.13 5.46 -17.06
N LEU A 104 -8.00 6.31 -17.62
CA LEU A 104 -8.73 7.36 -16.91
C LEU A 104 -10.18 6.94 -16.82
N LYS A 105 -10.73 6.89 -15.61
CA LYS A 105 -12.09 6.38 -15.45
C LYS A 105 -12.82 7.22 -14.41
N ASP A 106 -14.06 7.62 -14.72
CA ASP A 106 -14.90 8.40 -13.82
C ASP A 106 -15.90 7.48 -13.13
N TYR A 107 -15.66 7.22 -11.84
CA TYR A 107 -16.56 6.44 -11.02
C TYR A 107 -17.65 7.27 -10.37
N GLY A 108 -17.60 8.59 -10.53
CA GLY A 108 -18.62 9.45 -9.94
C GLY A 108 -17.94 10.58 -9.20
N GLY A 109 -16.62 10.52 -9.16
CA GLY A 109 -15.83 11.57 -8.57
C GLY A 109 -15.00 12.39 -9.52
N GLY A 110 -15.18 12.23 -10.83
CA GLY A 110 -14.21 12.80 -11.74
C GLY A 110 -13.28 11.73 -12.30
N LYS A 111 -12.67 12.03 -13.43
CA LYS A 111 -11.78 11.07 -14.07
C LYS A 111 -10.57 10.81 -13.15
N ASP A 112 -10.36 9.54 -12.79
CA ASP A 112 -9.27 9.10 -11.94
C ASP A 112 -8.33 8.21 -12.76
N ARG A 113 -7.03 8.32 -12.48
CA ARG A 113 -6.08 7.35 -13.01
C ARG A 113 -6.29 5.98 -12.35
N VAL A 114 -6.41 4.93 -13.18
CA VAL A 114 -6.69 3.57 -12.72
C VAL A 114 -5.68 2.67 -13.40
N TRP A 115 -5.16 1.70 -12.68
CA TRP A 115 -4.20 0.79 -13.28
C TRP A 115 -4.92 -0.52 -13.58
N VAL A 116 -4.92 -0.91 -14.84
CA VAL A 116 -5.57 -2.14 -15.26
C VAL A 116 -4.51 -3.22 -15.34
N TYR A 117 -4.77 -4.34 -14.64
CA TYR A 117 -3.87 -5.51 -14.65
C TYR A 117 -4.64 -6.76 -15.07
N ASN A 118 -4.08 -7.49 -16.02
CA ASN A 118 -4.67 -8.73 -16.49
C ASN A 118 -3.69 -9.83 -16.20
N ILE A 119 -4.15 -10.91 -15.57
CA ILE A 119 -3.36 -12.12 -15.42
C ILE A 119 -4.21 -13.30 -15.88
N PRO A 120 -3.76 -14.07 -16.87
CA PRO A 120 -4.53 -15.22 -17.33
C PRO A 120 -4.42 -16.40 -16.38
N VAL A 121 -5.52 -17.14 -16.25
CA VAL A 121 -5.54 -18.34 -15.42
C VAL A 121 -5.24 -19.53 -16.31
N LYS A 122 -4.25 -20.32 -15.91
CA LYS A 122 -3.83 -21.52 -16.62
C LYS A 122 -4.09 -22.73 -15.76
N VAL A 123 -4.75 -23.73 -16.32
CA VAL A 123 -4.90 -25.03 -15.71
C VAL A 123 -4.23 -26.04 -16.62
N ASP A 124 -3.29 -26.80 -16.08
CA ASP A 124 -2.59 -27.81 -16.86
C ASP A 124 -1.91 -27.17 -18.07
N LYS A 125 -1.45 -25.93 -17.90
CA LYS A 125 -0.70 -25.09 -18.90
C LYS A 125 -1.56 -24.45 -20.02
N LYS A 126 -2.86 -24.64 -20.06
CA LYS A 126 -3.73 -23.98 -21.02
C LYS A 126 -4.56 -22.86 -20.36
N VAL A 127 -4.76 -21.77 -21.09
CA VAL A 127 -5.56 -20.65 -20.58
C VAL A 127 -7.03 -21.05 -20.48
N ILE A 128 -7.60 -20.89 -19.29
CA ILE A 128 -9.05 -21.15 -19.08
C ILE A 128 -9.80 -19.83 -18.97
N GLY A 129 -9.11 -18.75 -18.63
CA GLY A 129 -9.76 -17.47 -18.45
C GLY A 129 -8.72 -16.43 -18.11
N ASN A 130 -9.22 -15.27 -17.65
CA ASN A 130 -8.39 -14.12 -17.33
C ASN A 130 -9.00 -13.39 -16.15
N ILE A 131 -8.12 -12.98 -15.22
CA ILE A 131 -8.47 -12.06 -14.14
C ILE A 131 -8.15 -10.64 -14.61
N TYR A 132 -9.17 -9.79 -14.59
CA TYR A 132 -9.05 -8.39 -14.96
C TYR A 132 -9.24 -7.58 -13.68
N ILE A 133 -8.30 -6.68 -13.38
CA ILE A 133 -8.33 -5.91 -12.14
C ILE A 133 -8.21 -4.43 -12.46
N GLU A 134 -9.15 -3.63 -11.96
CA GLU A 134 -9.00 -2.18 -11.90
C GLU A 134 -8.53 -1.84 -10.49
N SER A 135 -7.37 -1.18 -10.39
CA SER A 135 -6.75 -0.87 -9.11
C SER A 135 -6.54 0.64 -8.98
N LYS A 136 -6.74 1.13 -7.75
CA LYS A 136 -6.88 2.56 -7.48
C LYS A 136 -5.50 3.21 -7.37
N ILE A 137 -4.77 3.20 -8.48
CA ILE A 137 -3.41 3.74 -8.43
C ILE A 137 -3.42 5.25 -8.20
N ASN A 138 -4.54 5.91 -8.49
CA ASN A 138 -4.65 7.34 -8.22
C ASN A 138 -4.36 7.67 -6.77
N ASP A 139 -4.58 6.73 -5.85
CA ASP A 139 -4.22 6.95 -4.46
C ASP A 139 -2.77 7.35 -4.32
N VAL A 140 -1.88 6.62 -4.99
CA VAL A 140 -0.46 6.98 -4.95
C VAL A 140 -0.26 8.38 -5.51
N TYR A 141 -0.88 8.67 -6.67
CA TYR A 141 -0.68 9.99 -7.24
C TYR A 141 -1.09 11.04 -6.22
N ASN A 142 -2.25 10.81 -5.59
CA ASN A 142 -2.74 11.79 -4.63
C ASN A 142 -1.76 11.94 -3.48
N GLN A 143 -1.21 10.82 -3.03
CA GLN A 143 -0.45 10.98 -1.82
C GLN A 143 0.88 11.68 -2.17
N LEU A 144 1.40 11.45 -3.38
CA LEU A 144 2.57 12.20 -3.81
C LEU A 144 2.24 13.68 -3.88
N ASN A 145 1.07 14.02 -4.45
CA ASN A 145 0.71 15.42 -4.56
C ASN A 145 0.62 16.05 -3.19
N ASN A 146 0.21 15.26 -2.19
CA ASN A 146 0.02 15.82 -0.86
C ASN A 146 1.34 16.27 -0.26
N ILE A 147 2.45 15.60 -0.60
CA ILE A 147 3.74 15.95 -0.03
C ILE A 147 4.61 16.68 -1.06
N ASN A 148 3.99 17.21 -2.12
CA ASN A 148 4.68 17.99 -3.15
C ASN A 148 5.83 17.21 -3.78
N GLN A 149 5.55 15.96 -4.12
CA GLN A 149 6.51 15.13 -4.83
C GLN A 149 5.93 14.68 -6.18
N ASN B 3 4.41 -17.45 -0.42
CA ASN B 3 5.31 -16.48 0.18
C ASN B 3 4.65 -15.10 0.27
N LEU B 4 3.32 -15.08 0.17
CA LEU B 4 2.60 -13.84 -0.02
C LEU B 4 2.67 -12.95 1.21
N GLU B 5 2.53 -13.56 2.41
CA GLU B 5 2.59 -12.76 3.63
C GLU B 5 3.91 -11.99 3.68
N LYS B 6 5.05 -12.67 3.43
CA LYS B 6 6.34 -11.97 3.43
C LYS B 6 6.36 -10.86 2.40
N GLU B 7 5.85 -11.13 1.21
CA GLU B 7 5.87 -10.13 0.15
C GLU B 7 5.07 -8.88 0.53
N LEU B 8 3.83 -9.05 0.99
CA LEU B 8 3.02 -7.87 1.30
C LEU B 8 3.57 -7.10 2.49
N LEU B 9 4.07 -7.82 3.52
CA LEU B 9 4.71 -7.13 4.63
C LEU B 9 5.93 -6.34 4.16
N ASP B 10 6.73 -6.94 3.27
CA ASP B 10 7.92 -6.26 2.78
C ASP B 10 7.56 -5.03 1.98
N ASN B 11 6.58 -5.15 1.07
CA ASN B 11 6.11 -4.01 0.31
C ASN B 11 5.62 -2.89 1.21
N PHE B 12 4.83 -3.23 2.23
CA PHE B 12 4.37 -2.21 3.16
C PHE B 12 5.53 -1.49 3.81
N LYS B 13 6.49 -2.25 4.33
CA LYS B 13 7.61 -1.58 4.99
C LYS B 13 8.43 -0.75 4.01
N LYS B 14 8.54 -1.19 2.76
CA LYS B 14 9.26 -0.40 1.75
C LYS B 14 8.56 0.94 1.49
N ASN B 15 7.22 0.92 1.33
CA ASN B 15 6.44 2.15 1.21
C ASN B 15 6.75 3.11 2.34
N ILE B 16 6.64 2.63 3.59
CA ILE B 16 6.87 3.49 4.75
C ILE B 16 8.30 4.03 4.77
N THR B 17 9.28 3.17 4.50
CA THR B 17 10.66 3.64 4.64
C THR B 17 11.04 4.62 3.52
N GLN B 18 10.58 4.39 2.29
CA GLN B 18 10.93 5.32 1.20
C GLN B 18 10.28 6.67 1.41
N TYR B 19 9.01 6.65 1.84
CA TYR B 19 8.28 7.85 2.20
C TYR B 19 8.98 8.61 3.31
N ALA B 20 9.37 7.90 4.39
CA ALA B 20 10.10 8.50 5.50
C ALA B 20 11.44 9.07 5.08
N LYS B 21 12.12 8.43 4.11
CA LYS B 21 13.38 9.00 3.61
C LYS B 21 13.14 10.36 2.97
N GLN B 22 12.07 10.50 2.18
CA GLN B 22 11.73 11.83 1.65
C GLN B 22 11.42 12.83 2.74
N LEU B 23 10.69 12.43 3.78
CA LEU B 23 10.51 13.32 4.93
C LEU B 23 11.84 13.75 5.58
N GLU B 24 12.74 12.78 5.68
CA GLU B 24 14.06 13.02 6.30
C GLU B 24 14.82 14.05 5.46
N ILE B 25 14.80 13.88 4.16
CA ILE B 25 15.43 14.81 3.23
C ILE B 25 14.83 16.20 3.40
N SER B 26 13.51 16.27 3.50
CA SER B 26 12.82 17.56 3.59
C SER B 26 13.20 18.33 4.85
N ILE B 27 13.22 17.62 5.98
CA ILE B 27 13.61 18.27 7.23
C ILE B 27 15.07 18.72 7.17
N GLU B 28 15.95 17.85 6.65
CA GLU B 28 17.35 18.24 6.54
C GLU B 28 17.51 19.51 5.72
N LYS B 29 16.80 19.61 4.59
CA LYS B 29 16.97 20.77 3.73
C LYS B 29 16.46 22.04 4.39
N VAL B 30 15.36 21.95 5.16
CA VAL B 30 14.93 23.15 5.87
C VAL B 30 16.02 23.57 6.87
N TYR B 31 16.60 22.61 7.60
CA TYR B 31 17.71 22.94 8.49
C TYR B 31 18.86 23.61 7.73
N ASP B 32 19.32 22.96 6.66
CA ASP B 32 20.36 23.51 5.80
C ASP B 32 20.13 24.98 5.51
N GLU B 33 18.99 25.29 4.90
CA GLU B 33 18.78 26.62 4.36
C GLU B 33 18.54 27.64 5.46
N LYS B 34 17.67 27.31 6.43
CA LYS B 34 17.19 28.28 7.39
C LYS B 34 17.90 28.23 8.72
N GLY B 35 19.00 27.49 8.82
CA GLY B 35 19.54 27.30 10.14
C GLY B 35 18.64 26.37 10.93
N SER B 36 18.87 26.33 12.24
CA SER B 36 18.07 25.47 13.16
C SER B 36 17.15 26.34 14.03
N VAL B 37 17.37 27.66 14.03
CA VAL B 37 16.54 28.59 14.84
C VAL B 37 15.50 29.25 13.93
N ASN B 38 15.34 28.73 12.71
CA ASN B 38 14.36 29.30 11.75
C ASN B 38 13.70 28.14 10.98
N ALA B 39 14.16 26.91 11.20
CA ALA B 39 13.61 25.71 10.51
C ALA B 39 13.03 24.74 11.54
N GLN B 40 12.89 25.20 12.80
CA GLN B 40 12.34 24.35 13.89
C GLN B 40 10.87 24.73 14.13
N LYS B 41 10.24 25.39 13.16
CA LYS B 41 8.83 25.82 13.29
C LYS B 41 8.05 25.36 12.04
N ASP B 42 8.78 24.96 10.99
CA ASP B 42 8.14 24.50 9.73
C ASP B 42 8.06 22.96 9.74
N ILE B 43 8.86 22.32 10.60
CA ILE B 43 8.85 20.87 10.71
C ILE B 43 7.44 20.34 10.90
N GLN B 44 6.69 20.98 11.80
CA GLN B 44 5.32 20.55 12.09
C GLN B 44 4.50 20.45 10.81
N ASN B 45 4.64 21.42 9.91
CA ASN B 45 3.88 21.38 8.67
C ASN B 45 4.30 20.21 7.81
N LEU B 46 5.61 19.92 7.77
CA LEU B 46 6.03 18.77 6.95
C LEU B 46 5.49 17.45 7.52
N LEU B 47 5.55 17.27 8.84
CA LEU B 47 4.94 16.10 9.47
C LEU B 47 3.44 16.03 9.24
N SER B 48 2.75 17.15 9.32
CA SER B 48 1.31 17.14 9.06
C SER B 48 0.99 16.74 7.63
N GLU B 49 1.74 17.25 6.63
CA GLU B 49 1.53 16.75 5.27
C GLU B 49 1.75 15.25 5.18
N TYR B 50 2.91 14.78 5.66
CA TYR B 50 3.25 13.39 5.51
C TYR B 50 2.27 12.47 6.27
N ALA B 51 1.66 12.96 7.34
CA ALA B 51 0.70 12.12 8.07
C ALA B 51 -0.63 11.93 7.34
N ASN B 52 -0.88 12.61 6.23
CA ASN B 52 -2.06 12.27 5.45
C ASN B 52 -1.96 10.87 4.84
N CYS B 53 -0.76 10.29 4.80
CA CYS B 53 -0.61 8.91 4.35
C CYS B 53 -1.51 8.01 5.17
N GLN B 54 -2.49 7.37 4.53
CA GLN B 54 -3.57 6.68 5.28
C GLN B 54 -3.06 5.53 6.14
N GLU B 55 -1.85 5.10 5.89
CA GLU B 55 -1.25 3.96 6.58
C GLU B 55 -0.36 4.37 7.74
N ILE B 56 -0.20 5.66 7.99
CA ILE B 56 0.59 6.13 9.12
C ILE B 56 -0.35 6.53 10.24
N GLY B 57 -0.06 6.03 11.43
CA GLY B 57 -0.84 6.28 12.61
C GLY B 57 -0.34 7.54 13.29
N GLU B 58 0.98 7.69 13.34
CA GLU B 58 1.55 8.92 13.91
C GLU B 58 2.96 9.11 13.38
N ILE B 59 3.38 10.37 13.33
CA ILE B 59 4.78 10.74 13.14
C ILE B 59 5.16 11.73 14.22
N ARG B 60 6.32 11.51 14.82
CA ARG B 60 6.89 12.40 15.80
C ARG B 60 8.27 12.79 15.29
N PHE B 61 8.66 14.04 15.53
CA PHE B 61 10.05 14.47 15.37
C PHE B 61 10.60 14.76 16.74
N ILE B 62 11.79 14.22 16.99
CA ILE B 62 12.45 14.18 18.30
C ILE B 62 13.88 14.69 18.10
N ASP B 63 14.29 15.67 18.90
CA ASP B 63 15.60 16.29 18.72
C ASP B 63 16.71 15.50 19.42
N LYS B 64 17.96 15.93 19.18
CA LYS B 64 19.16 15.39 19.80
C LYS B 64 19.03 15.08 21.28
N ASP B 65 18.35 15.93 22.03
CA ASP B 65 18.25 15.72 23.46
C ASP B 65 17.01 14.93 23.83
N GLN B 66 16.43 14.25 22.85
CA GLN B 66 15.27 13.37 23.00
C GLN B 66 14.01 14.12 23.36
N ILE B 67 13.97 15.42 23.13
CA ILE B 67 12.77 16.18 23.33
C ILE B 67 11.84 15.97 22.15
N ILE B 68 10.60 15.57 22.42
CA ILE B 68 9.60 15.48 21.37
C ILE B 68 9.29 16.90 20.91
N ILE B 69 9.70 17.23 19.69
CA ILE B 69 9.48 18.56 19.12
C ILE B 69 8.13 18.65 18.45
N ALA B 70 7.71 17.58 17.77
CA ALA B 70 6.46 17.69 17.04
C ALA B 70 5.76 16.34 16.93
N THR B 71 4.43 16.37 16.96
CA THR B 71 3.59 15.22 16.70
C THR B 71 2.52 15.60 15.68
N THR B 72 2.05 14.57 14.94
CA THR B 72 0.93 14.71 14.01
C THR B 72 -0.40 14.30 14.62
N LYS B 73 -0.35 13.83 15.85
CA LYS B 73 -1.58 13.35 16.47
C LYS B 73 -2.13 14.42 17.38
N GLN B 74 -3.31 14.96 17.06
CA GLN B 74 -3.89 15.97 17.96
C GLN B 74 -4.09 15.35 19.34
N SER B 75 -4.54 14.09 19.46
CA SER B 75 -4.71 13.61 20.86
C SER B 75 -3.41 13.68 21.71
N ASN B 76 -2.25 13.81 21.08
CA ASN B 76 -0.93 13.73 21.78
C ASN B 76 -0.19 15.06 21.84
N ARG B 77 -0.88 16.19 21.82
CA ARG B 77 -0.13 17.47 21.85
C ARG B 77 0.67 17.59 23.14
N SER B 78 0.12 17.16 24.27
CA SER B 78 0.88 17.26 25.54
C SER B 78 2.19 16.49 25.44
N LEU B 79 2.38 15.62 24.45
CA LEU B 79 3.67 14.95 24.45
C LEU B 79 4.78 15.94 24.14
N ILE B 80 4.42 17.07 23.50
CA ILE B 80 5.41 18.04 23.06
C ILE B 80 6.17 18.61 24.26
N ASN B 81 7.49 18.72 24.09
CA ASN B 81 8.49 19.23 25.02
C ASN B 81 8.83 18.23 26.10
N GLN B 82 8.18 17.07 26.13
CA GLN B 82 8.58 16.03 27.07
C GLN B 82 9.71 15.19 26.48
N LYS B 83 10.43 14.51 27.37
CA LYS B 83 11.35 13.46 26.95
C LYS B 83 10.60 12.28 26.33
N ALA B 84 11.18 11.74 25.25
CA ALA B 84 10.55 10.61 24.56
C ALA B 84 10.59 9.35 25.40
N ASN B 85 11.67 9.14 26.16
CA ASN B 85 11.79 7.95 27.03
C ASN B 85 11.66 6.66 26.21
N ASP B 86 12.32 6.61 25.06
CA ASP B 86 12.11 5.52 24.12
C ASP B 86 13.48 4.95 23.74
N SER B 87 13.66 3.63 23.97
CA SER B 87 14.93 2.96 23.69
C SER B 87 15.27 2.94 22.20
N SER B 88 14.28 2.73 21.34
CA SER B 88 14.56 2.68 19.90
C SER B 88 14.97 4.05 19.37
N VAL B 89 14.31 5.11 19.83
CA VAL B 89 14.76 6.46 19.51
C VAL B 89 16.20 6.68 19.98
N GLN B 90 16.50 6.31 21.23
CA GLN B 90 17.87 6.44 21.73
C GLN B 90 18.85 5.71 20.81
N LYS B 91 18.48 4.51 20.37
CA LYS B 91 19.35 3.69 19.48
C LYS B 91 19.57 4.41 18.14
N ALA B 92 18.53 4.97 17.56
CA ALA B 92 18.69 5.69 16.30
C ALA B 92 19.58 6.92 16.48
N LEU B 93 19.39 7.65 17.56
CA LEU B 93 20.25 8.81 17.79
C LEU B 93 21.71 8.40 17.97
N SER B 94 21.95 7.32 18.69
CA SER B 94 23.33 6.96 19.03
C SER B 94 24.04 6.22 17.90
N LEU B 95 23.33 5.38 17.15
CA LEU B 95 23.94 4.64 16.05
C LEU B 95 23.97 5.46 14.77
N GLY B 96 23.07 6.44 14.64
CA GLY B 96 22.98 7.15 13.37
C GLY B 96 22.45 6.28 12.25
N GLN B 97 21.68 5.28 12.58
CA GLN B 97 21.07 4.46 11.53
C GLN B 97 19.60 4.23 11.89
N SER B 98 18.83 3.82 10.93
CA SER B 98 17.41 3.54 11.15
C SER B 98 17.22 2.24 11.92
N ASN B 99 16.03 2.07 12.51
CA ASN B 99 15.69 0.81 13.15
C ASN B 99 14.17 0.63 13.10
N ASP B 100 13.71 -0.56 13.52
CA ASP B 100 12.28 -0.86 13.44
C ASP B 100 11.96 -2.04 14.34
N HIS B 101 10.74 -2.00 14.91
CA HIS B 101 10.23 -3.14 15.67
C HIS B 101 8.70 -3.14 15.63
N LEU B 102 8.11 -4.31 15.91
CA LEU B 102 6.65 -4.44 16.01
C LEU B 102 6.20 -4.21 17.44
N ILE B 103 5.05 -3.53 17.59
CA ILE B 103 4.41 -3.40 18.90
C ILE B 103 2.95 -3.83 18.78
N LEU B 104 2.31 -3.97 19.93
CA LEU B 104 0.86 -4.07 20.02
C LEU B 104 0.38 -2.81 20.71
N LYS B 105 -0.56 -2.11 20.07
CA LYS B 105 -1.05 -0.84 20.58
C LYS B 105 -2.57 -0.83 20.40
N ASP B 106 -3.30 -0.44 21.43
CA ASP B 106 -4.76 -0.34 21.39
C ASP B 106 -5.15 1.13 21.23
N TYR B 107 -5.59 1.51 20.03
CA TYR B 107 -5.99 2.90 19.81
C TYR B 107 -7.45 3.15 20.14
N GLY B 108 -8.19 2.12 20.53
CA GLY B 108 -9.62 2.23 20.83
C GLY B 108 -10.38 1.02 20.32
N GLY B 109 -9.71 0.20 19.54
CA GLY B 109 -10.36 -0.93 18.91
C GLY B 109 -9.81 -2.28 19.27
N GLY B 110 -9.00 -2.34 20.33
CA GLY B 110 -8.27 -3.54 20.67
C GLY B 110 -6.80 -3.46 20.24
N LYS B 111 -5.99 -4.36 20.79
CA LYS B 111 -4.57 -4.30 20.47
C LYS B 111 -4.34 -4.67 19.00
N ASP B 112 -3.73 -3.75 18.25
CA ASP B 112 -3.38 -3.90 16.84
C ASP B 112 -1.87 -4.02 16.70
N ARG B 113 -1.42 -4.87 15.76
CA ARG B 113 -0.01 -4.88 15.33
C ARG B 113 0.37 -3.57 14.66
N VAL B 114 1.44 -2.93 15.14
CA VAL B 114 1.85 -1.64 14.62
C VAL B 114 3.35 -1.75 14.34
N TRP B 115 3.80 -1.24 13.20
CA TRP B 115 5.22 -1.25 12.85
C TRP B 115 5.82 0.11 13.19
N VAL B 116 6.85 0.10 14.04
CA VAL B 116 7.50 1.33 14.47
C VAL B 116 8.80 1.44 13.68
N TYR B 117 8.96 2.57 13.00
CA TYR B 117 10.16 2.84 12.20
C TYR B 117 10.80 4.13 12.70
N ASN B 118 12.09 4.09 13.00
CA ASN B 118 12.88 5.28 13.33
C ASN B 118 13.90 5.54 12.24
N ILE B 119 14.01 6.80 11.81
CA ILE B 119 15.10 7.20 10.94
C ILE B 119 15.73 8.51 11.44
N PRO B 120 17.01 8.53 11.74
CA PRO B 120 17.61 9.76 12.25
C PRO B 120 17.73 10.80 11.16
N VAL B 121 17.69 12.06 11.59
CA VAL B 121 17.92 13.21 10.72
C VAL B 121 19.33 13.71 11.00
N LYS B 122 20.11 13.83 9.92
CA LYS B 122 21.52 14.15 9.90
C LYS B 122 21.72 15.41 9.05
N VAL B 123 22.31 16.44 9.67
CA VAL B 123 22.81 17.62 8.97
C VAL B 123 24.30 17.74 9.25
N ASP B 124 25.05 18.14 8.23
CA ASP B 124 26.50 18.27 8.36
C ASP B 124 27.11 16.94 8.84
N LYS B 125 26.40 15.86 8.53
CA LYS B 125 26.75 14.45 8.85
C LYS B 125 26.57 14.11 10.33
N LYS B 126 25.98 15.01 11.10
CA LYS B 126 25.71 14.78 12.51
C LYS B 126 24.22 14.58 12.74
N VAL B 127 23.87 13.66 13.65
CA VAL B 127 22.47 13.51 14.03
C VAL B 127 21.99 14.78 14.73
N ILE B 128 20.98 15.43 14.18
CA ILE B 128 20.26 16.49 14.87
C ILE B 128 18.92 16.02 15.41
N GLY B 129 18.48 14.82 15.06
CA GLY B 129 17.19 14.40 15.57
C GLY B 129 16.81 13.07 14.99
N ASN B 130 15.52 12.74 15.11
CA ASN B 130 15.02 11.43 14.71
C ASN B 130 13.54 11.53 14.38
N ILE B 131 13.13 10.86 13.30
CA ILE B 131 11.72 10.72 12.91
C ILE B 131 11.22 9.35 13.41
N TYR B 132 10.22 9.39 14.27
CA TYR B 132 9.54 8.23 14.83
C TYR B 132 8.21 8.08 14.11
N ILE B 133 7.96 6.91 13.51
CA ILE B 133 6.72 6.63 12.78
C ILE B 133 6.05 5.39 13.38
N GLU B 134 4.76 5.53 13.69
CA GLU B 134 3.90 4.37 13.91
C GLU B 134 3.07 4.16 12.64
N SER B 135 3.13 2.93 12.11
CA SER B 135 2.49 2.61 10.84
C SER B 135 1.58 1.38 10.96
N LYS B 136 0.49 1.43 10.20
CA LYS B 136 -0.67 0.55 10.39
C LYS B 136 -0.49 -0.79 9.67
N ILE B 137 0.60 -1.51 10.02
CA ILE B 137 0.89 -2.78 9.36
C ILE B 137 -0.22 -3.81 9.64
N ASN B 138 -1.02 -3.61 10.70
CA ASN B 138 -2.19 -4.46 10.96
C ASN B 138 -3.05 -4.64 9.71
N ASP B 139 -3.19 -3.56 8.92
CA ASP B 139 -3.96 -3.64 7.69
C ASP B 139 -3.52 -4.83 6.83
N VAL B 140 -2.20 -5.00 6.67
CA VAL B 140 -1.70 -6.12 5.88
C VAL B 140 -2.13 -7.44 6.49
N TYR B 141 -1.91 -7.62 7.80
CA TYR B 141 -2.34 -8.89 8.38
C TYR B 141 -3.81 -9.12 8.11
N ASN B 142 -4.63 -8.07 8.26
CA ASN B 142 -6.07 -8.23 8.03
C ASN B 142 -6.34 -8.62 6.58
N GLN B 143 -5.65 -7.96 5.65
CA GLN B 143 -5.85 -8.31 4.26
C GLN B 143 -5.52 -9.78 4.02
N LEU B 144 -4.40 -10.24 4.59
CA LEU B 144 -4.03 -11.64 4.46
C LEU B 144 -5.10 -12.53 5.05
N ASN B 145 -5.58 -12.18 6.26
CA ASN B 145 -6.56 -13.06 6.87
C ASN B 145 -7.83 -13.09 6.06
N ASN B 146 -8.10 -12.04 5.29
CA ASN B 146 -9.34 -12.04 4.54
C ASN B 146 -9.30 -12.94 3.31
N ILE B 147 -8.10 -13.28 2.82
CA ILE B 147 -7.97 -14.21 1.71
C ILE B 147 -7.44 -15.57 2.19
N ASN B 148 -7.48 -15.78 3.50
CA ASN B 148 -7.05 -17.02 4.13
C ASN B 148 -5.61 -17.35 3.73
N GLN B 149 -4.74 -16.38 3.98
CA GLN B 149 -3.32 -16.48 3.66
C GLN B 149 -2.49 -16.04 4.86
#